data_9UCP
#
_entry.id   9UCP
#
_cell.length_a   1.00
_cell.length_b   1.00
_cell.length_c   1.00
_cell.angle_alpha   90.00
_cell.angle_beta   90.00
_cell.angle_gamma   90.00
#
_symmetry.space_group_name_H-M   'P 1'
#
loop_
_entity.id
_entity.type
_entity.pdbx_description
1 polymer 'M1 muscarinic acetylcholine receptor, de novo design protein'
2 polymer 'Guanine nucleotide-binding protein subunit alpha-11'
3 polymer 'Nanobody Nb1B4'
4 non-polymer 4-(4,5-dihydro-1,2-oxazol-3-yloxy)-N,N,N-trimethylbut-2-yn-1-aminium
#
loop_
_entity_poly.entity_id
_entity_poly.type
_entity_poly.pdbx_seq_one_letter_code
_entity_poly.pdbx_strand_id
1 'polypeptide(L)'
;DYKDDDDAAAQTSAPPAVSPQITVLAPGKGPWQVAFIGITTGLLSLATVTGNLLVLISFKVNTELKTVNNYFLLSLACAD
LIIGTFSMNLYTTYLLMGHWALGTLACDLWLALDYVASNASVMNLLLISFDRYFSVTRPLSYRAKRTPRRAALMIGLAWL
VSFVLWAPAILFWQYLVGERTVLAGQCYIQFLSQPIITFGTAMAAFYLPVTVMCTLYWRIYRETKRAGERLAKLLEKFEA
LPLEDIVAALKALLATNRPEIQLAVKTIVENFPEIKKEAEKLTPEQKAKLAALEAQLADLPEELRKVLLSMYLTGLLYGG
SEENRKRAIEKAARTLSAILLAFILTWTPYNIMVLVSTFCKDCVPETLWELGYWLCYVNSTINPMCYALCNKAFRDTFRL
LLLCRWDKRRWRKIPKRPGSVHRTPSRQCHHHHHH
;
A
2 'polypeptide(L)' TPENIRFVFAAVKDTILQLNLKEYNLV B
3 'polypeptide(L)'
;QVQLQESGGGLVQAGGSLRLSCAASGSIFYGYYMGWYRQAPGKEREFVATINYGASTNYADSVKGRFTISRDNAKNTVYL
QMNSLKPEDTAVYYCAVRRVYVYVQRYYHYYWGQGTQVTVSS
;
C
#
loop_
_chem_comp.id
_chem_comp.type
_chem_comp.name
_chem_comp.formula
IXO non-polymer 4-(4,5-dihydro-1,2-oxazol-3-yloxy)-N,N,N-trimethylbut-2-yn-1-aminium 'C10 H17 N2 O2 1'
#
# COMPACT_ATOMS: atom_id res chain seq x y z
N GLN A 33 19.87 -17.36 -13.52
CA GLN A 33 19.27 -16.52 -12.49
C GLN A 33 18.15 -15.67 -13.07
N VAL A 34 18.24 -15.38 -14.37
CA VAL A 34 17.17 -14.63 -15.04
C VAL A 34 15.89 -15.48 -15.11
N ALA A 35 16.03 -16.79 -15.30
CA ALA A 35 14.87 -17.66 -15.27
C ALA A 35 14.29 -17.75 -13.86
N PHE A 36 15.16 -17.82 -12.84
CA PHE A 36 14.68 -17.86 -11.48
C PHE A 36 13.94 -16.58 -11.10
N ILE A 37 14.50 -15.43 -11.47
CA ILE A 37 13.86 -14.16 -11.14
C ILE A 37 12.54 -14.01 -11.90
N GLY A 38 12.53 -14.37 -13.19
CA GLY A 38 11.31 -14.24 -13.96
C GLY A 38 10.19 -15.10 -13.42
N ILE A 39 10.52 -16.30 -12.93
CA ILE A 39 9.50 -17.19 -12.38
C ILE A 39 8.94 -16.63 -11.07
N THR A 40 9.83 -16.20 -10.17
CA THR A 40 9.37 -15.79 -8.84
C THR A 40 8.60 -14.49 -8.89
N THR A 41 8.98 -13.57 -9.80
CA THR A 41 8.23 -12.34 -9.95
C THR A 41 6.92 -12.57 -10.72
N GLY A 42 6.93 -13.49 -11.67
CA GLY A 42 5.72 -13.81 -12.39
C GLY A 42 4.66 -14.45 -11.52
N LEU A 43 5.07 -15.34 -10.60
CA LEU A 43 4.12 -15.93 -9.68
C LEU A 43 3.54 -14.90 -8.71
N LEU A 44 4.35 -13.96 -8.25
CA LEU A 44 3.84 -12.91 -7.37
C LEU A 44 2.88 -11.98 -8.09
N SER A 45 3.08 -11.76 -9.40
CA SER A 45 2.13 -10.99 -10.17
C SER A 45 0.83 -11.75 -10.43
N LEU A 46 0.94 -13.05 -10.71
CA LEU A 46 -0.26 -13.87 -10.87
C LEU A 46 -1.04 -13.97 -9.56
N ALA A 47 -0.33 -14.11 -8.44
CA ALA A 47 -0.98 -14.17 -7.14
C ALA A 47 -1.63 -12.84 -6.77
N THR A 48 -1.01 -11.72 -7.14
CA THR A 48 -1.60 -10.42 -6.85
C THR A 48 -2.80 -10.14 -7.74
N VAL A 49 -2.70 -10.45 -9.03
CA VAL A 49 -3.82 -10.23 -9.94
C VAL A 49 -5.01 -11.09 -9.55
N THR A 50 -4.76 -12.37 -9.25
CA THR A 50 -5.84 -13.26 -8.82
C THR A 50 -6.38 -12.88 -7.44
N GLY A 51 -5.50 -12.44 -6.54
CA GLY A 51 -5.94 -12.09 -5.20
C GLY A 51 -6.85 -10.88 -5.16
N ASN A 52 -6.51 -9.85 -5.93
CA ASN A 52 -7.31 -8.62 -5.90
C ASN A 52 -8.52 -8.71 -6.82
N LEU A 53 -8.37 -9.33 -7.99
CA LEU A 53 -9.50 -9.45 -8.90
C LEU A 53 -10.63 -10.25 -8.27
N LEU A 54 -10.28 -11.33 -7.56
CA LEU A 54 -11.30 -12.09 -6.85
C LEU A 54 -11.94 -11.28 -5.72
N VAL A 55 -11.20 -10.37 -5.10
CA VAL A 55 -11.77 -9.55 -4.03
C VAL A 55 -12.82 -8.59 -4.59
N LEU A 56 -12.58 -8.05 -5.78
CA LEU A 56 -13.56 -7.16 -6.39
C LEU A 56 -14.85 -7.88 -6.74
N ILE A 57 -14.75 -9.13 -7.20
CA ILE A 57 -15.91 -9.89 -7.63
C ILE A 57 -16.50 -10.75 -6.52
N SER A 58 -15.85 -10.81 -5.35
CA SER A 58 -16.42 -11.58 -4.25
C SER A 58 -17.76 -11.00 -3.79
N PHE A 59 -17.82 -9.68 -3.61
CA PHE A 59 -19.02 -9.05 -3.07
C PHE A 59 -19.84 -8.36 -4.16
N LYS A 60 -19.56 -8.67 -5.42
CA LYS A 60 -20.49 -8.33 -6.50
C LYS A 60 -21.53 -9.44 -6.66
N VAL A 61 -21.08 -10.70 -6.70
CA VAL A 61 -22.00 -11.83 -6.69
C VAL A 61 -22.65 -11.98 -5.32
N ASN A 62 -21.87 -11.83 -4.26
CA ASN A 62 -22.39 -11.93 -2.91
C ASN A 62 -23.10 -10.63 -2.54
N THR A 63 -24.36 -10.74 -2.12
CA THR A 63 -25.16 -9.58 -1.72
C THR A 63 -24.88 -9.21 -0.27
N GLU A 64 -23.62 -8.86 0.00
CA GLU A 64 -23.20 -8.42 1.32
C GLU A 64 -22.29 -7.20 1.25
N LEU A 65 -22.28 -6.49 0.12
CA LEU A 65 -21.47 -5.29 -0.03
C LEU A 65 -22.27 -4.02 0.28
N LYS A 66 -23.37 -4.15 1.02
CA LYS A 66 -24.11 -2.98 1.52
C LYS A 66 -23.44 -2.51 2.80
N THR A 67 -22.13 -2.28 2.69
CA THR A 67 -21.30 -1.95 3.85
C THR A 67 -20.28 -0.91 3.41
N VAL A 68 -20.40 0.31 3.95
CA VAL A 68 -19.40 1.34 3.67
C VAL A 68 -18.06 0.98 4.30
N ASN A 69 -18.05 0.07 5.28
CA ASN A 69 -16.80 -0.38 5.87
C ASN A 69 -15.93 -1.10 4.86
N ASN A 70 -16.55 -1.83 3.93
CA ASN A 70 -15.83 -2.54 2.89
C ASN A 70 -15.53 -1.68 1.67
N TYR A 71 -16.03 -0.44 1.63
CA TYR A 71 -15.71 0.45 0.52
C TYR A 71 -14.22 0.75 0.46
N PHE A 72 -13.60 0.96 1.62
CA PHE A 72 -12.17 1.24 1.67
C PHE A 72 -11.35 0.05 1.20
N LEU A 73 -11.79 -1.17 1.54
CA LEU A 73 -11.11 -2.36 1.05
C LEU A 73 -11.34 -2.57 -0.45
N LEU A 74 -12.54 -2.22 -0.94
CA LEU A 74 -12.81 -2.32 -2.37
C LEU A 74 -11.94 -1.36 -3.16
N SER A 75 -11.74 -0.14 -2.64
CA SER A 75 -10.85 0.81 -3.30
C SER A 75 -9.40 0.45 -3.12
N LEU A 76 -9.04 -0.18 -1.99
CA LEU A 76 -7.67 -0.64 -1.79
C LEU A 76 -7.30 -1.69 -2.83
N ALA A 77 -8.22 -2.62 -3.10
CA ALA A 77 -7.98 -3.62 -4.12
C ALA A 77 -7.90 -3.02 -5.52
N CYS A 78 -8.51 -1.86 -5.75
CA CYS A 78 -8.39 -1.21 -7.05
C CYS A 78 -6.96 -0.74 -7.31
N ALA A 79 -6.31 -0.19 -6.28
CA ALA A 79 -4.93 0.26 -6.44
C ALA A 79 -3.95 -0.92 -6.46
N ASP A 80 -4.19 -1.94 -5.65
CA ASP A 80 -3.26 -3.07 -5.58
C ASP A 80 -3.39 -3.98 -6.80
N LEU A 81 -4.59 -4.06 -7.40
CA LEU A 81 -4.73 -4.78 -8.65
C LEU A 81 -4.02 -4.07 -9.79
N ILE A 82 -3.99 -2.74 -9.77
CA ILE A 82 -3.21 -2.00 -10.74
C ILE A 82 -1.73 -2.30 -10.58
N ILE A 83 -1.25 -2.34 -9.34
CA ILE A 83 0.15 -2.66 -9.08
C ILE A 83 0.47 -4.08 -9.54
N GLY A 84 -0.41 -5.03 -9.20
CA GLY A 84 -0.16 -6.41 -9.55
C GLY A 84 -0.15 -6.64 -11.05
N THR A 85 -1.13 -6.10 -11.75
CA THR A 85 -1.27 -6.34 -13.19
C THR A 85 -0.30 -5.49 -14.01
N PHE A 86 0.00 -4.27 -13.57
CA PHE A 86 0.73 -3.32 -14.41
C PHE A 86 2.10 -2.92 -13.89
N SER A 87 2.33 -2.96 -12.58
CA SER A 87 3.55 -2.39 -12.00
C SER A 87 4.66 -3.42 -11.84
N MET A 88 4.33 -4.59 -11.30
CA MET A 88 5.31 -5.65 -11.11
C MET A 88 5.83 -6.18 -12.44
N ASN A 89 4.93 -6.29 -13.42
CA ASN A 89 5.31 -6.79 -14.73
C ASN A 89 6.24 -5.83 -15.46
N LEU A 90 5.95 -4.53 -15.40
CA LEU A 90 6.80 -3.55 -16.06
C LEU A 90 8.07 -3.22 -15.28
N TYR A 91 8.13 -3.58 -13.99
CA TYR A 91 9.37 -3.42 -13.24
C TYR A 91 10.30 -4.61 -13.43
N THR A 92 9.73 -5.82 -13.37
CA THR A 92 10.53 -7.02 -13.60
C THR A 92 11.12 -7.02 -15.00
N THR A 93 10.36 -6.51 -15.98
CA THR A 93 10.91 -6.33 -17.32
C THR A 93 12.01 -5.28 -17.33
N TYR A 94 11.91 -4.26 -16.49
CA TYR A 94 12.91 -3.21 -16.45
C TYR A 94 14.23 -3.72 -15.87
N LEU A 95 14.17 -4.70 -14.97
CA LEU A 95 15.38 -5.23 -14.36
C LEU A 95 15.94 -6.41 -15.14
N LEU A 96 15.07 -7.34 -15.55
CA LEU A 96 15.54 -8.51 -16.28
C LEU A 96 16.17 -8.12 -17.61
N MET A 97 15.53 -7.23 -18.34
CA MET A 97 16.17 -6.67 -19.54
C MET A 97 17.22 -5.63 -19.20
N GLY A 98 17.28 -5.19 -17.94
CA GLY A 98 18.20 -4.12 -17.57
C GLY A 98 17.98 -2.85 -18.34
N HIS A 99 16.74 -2.65 -18.79
CA HIS A 99 16.43 -1.59 -19.73
C HIS A 99 14.94 -1.29 -19.80
N TRP A 100 14.59 -0.03 -20.07
CA TRP A 100 13.20 0.37 -20.27
C TRP A 100 13.01 0.59 -21.77
N ALA A 101 12.37 -0.36 -22.43
CA ALA A 101 12.24 -0.37 -23.88
C ALA A 101 10.89 0.13 -24.38
N LEU A 102 10.06 0.69 -23.49
CA LEU A 102 8.74 1.17 -23.87
C LEU A 102 8.70 2.68 -24.10
N GLY A 103 9.85 3.34 -24.09
CA GLY A 103 9.92 4.76 -24.36
C GLY A 103 9.73 5.61 -23.10
N THR A 104 10.08 6.89 -23.24
CA THR A 104 9.99 7.81 -22.12
C THR A 104 8.55 8.04 -21.70
N LEU A 105 7.63 8.10 -22.66
CA LEU A 105 6.23 8.36 -22.34
C LEU A 105 5.66 7.25 -21.46
N ALA A 106 5.98 5.99 -21.78
CA ALA A 106 5.51 4.89 -20.95
C ALA A 106 6.23 4.83 -19.61
N CYS A 107 7.45 5.38 -19.52
CA CYS A 107 8.12 5.45 -18.23
C CYS A 107 7.40 6.42 -17.30
N ASP A 108 7.11 7.62 -17.78
CA ASP A 108 6.41 8.60 -16.96
C ASP A 108 5.00 8.15 -16.63
N LEU A 109 4.32 7.52 -17.60
CA LEU A 109 2.98 7.00 -17.34
C LEU A 109 3.01 5.89 -16.29
N TRP A 110 3.98 4.98 -16.39
CA TRP A 110 4.12 3.92 -15.40
C TRP A 110 4.52 4.49 -14.04
N LEU A 111 5.45 5.45 -14.04
CA LEU A 111 5.91 6.03 -12.79
C LEU A 111 4.80 6.80 -12.09
N ALA A 112 4.03 7.58 -12.84
CA ALA A 112 2.87 8.23 -12.25
C ALA A 112 1.83 7.21 -11.81
N LEU A 113 1.62 6.17 -12.61
CA LEU A 113 0.58 5.20 -12.28
C LEU A 113 0.89 4.44 -11.00
N ASP A 114 2.13 3.96 -10.83
CA ASP A 114 2.45 3.16 -9.66
C ASP A 114 2.80 3.99 -8.44
N TYR A 115 3.28 5.21 -8.61
CA TYR A 115 3.51 6.07 -7.45
C TYR A 115 2.19 6.58 -6.88
N VAL A 116 1.27 6.98 -7.75
CA VAL A 116 -0.06 7.38 -7.30
C VAL A 116 -0.81 6.19 -6.73
N ALA A 117 -0.69 5.02 -7.35
CA ALA A 117 -1.41 3.85 -6.85
C ALA A 117 -0.84 3.33 -5.54
N SER A 118 0.49 3.27 -5.43
CA SER A 118 1.09 2.84 -4.16
C SER A 118 0.84 3.87 -3.06
N ASN A 119 0.76 5.13 -3.46
CA ASN A 119 0.46 6.21 -2.52
C ASN A 119 -1.01 6.12 -2.13
N ALA A 120 -1.85 5.78 -3.11
CA ALA A 120 -3.29 5.63 -2.87
C ALA A 120 -3.57 4.48 -1.91
N SER A 121 -2.83 3.38 -2.05
CA SER A 121 -2.96 2.31 -1.08
C SER A 121 -2.40 2.71 0.28
N VAL A 122 -1.35 3.54 0.30
CA VAL A 122 -0.81 4.01 1.57
C VAL A 122 -1.79 4.92 2.29
N MET A 123 -2.40 5.85 1.55
CA MET A 123 -3.43 6.71 2.13
C MET A 123 -4.80 6.03 2.19
N ASN A 124 -4.95 4.84 1.63
CA ASN A 124 -6.06 3.97 1.97
C ASN A 124 -5.78 3.15 3.21
N LEU A 125 -4.51 2.92 3.53
CA LEU A 125 -4.14 2.40 4.83
C LEU A 125 -4.30 3.47 5.90
N LEU A 126 -3.96 4.71 5.56
CA LEU A 126 -4.20 5.83 6.47
C LEU A 126 -5.69 6.12 6.60
N LEU A 127 -6.43 5.99 5.50
CA LEU A 127 -7.88 6.17 5.57
C LEU A 127 -8.52 5.06 6.40
N ILE A 128 -8.04 3.83 6.25
CA ILE A 128 -8.56 2.72 7.06
C ILE A 128 -8.16 2.88 8.51
N SER A 129 -6.94 3.36 8.77
CA SER A 129 -6.54 3.59 10.15
C SER A 129 -7.36 4.70 10.80
N PHE A 130 -7.63 5.77 10.05
CA PHE A 130 -8.47 6.84 10.57
C PHE A 130 -9.89 6.36 10.81
N ASP A 131 -10.42 5.53 9.89
CA ASP A 131 -11.76 4.99 10.09
C ASP A 131 -11.82 4.11 11.33
N ARG A 132 -10.84 3.23 11.51
CA ARG A 132 -10.83 2.38 12.70
C ARG A 132 -10.51 3.18 13.95
N TYR A 133 -9.77 4.28 13.83
CA TYR A 133 -9.45 5.08 15.01
C TYR A 133 -10.67 5.82 15.52
N PHE A 134 -11.48 6.39 14.63
CA PHE A 134 -12.66 7.13 15.05
C PHE A 134 -13.85 6.23 15.32
N SER A 135 -13.80 4.96 14.91
CA SER A 135 -14.81 4.01 15.30
C SER A 135 -14.53 3.36 16.64
N VAL A 136 -13.36 3.59 17.22
CA VAL A 136 -13.04 3.11 18.55
C VAL A 136 -12.98 4.23 19.58
N THR A 137 -12.65 5.46 19.17
CA THR A 137 -12.67 6.57 20.11
C THR A 137 -14.05 7.20 20.19
N ARG A 138 -14.75 7.26 19.06
CA ARG A 138 -16.11 7.79 18.97
C ARG A 138 -16.98 6.81 18.20
N PRO A 139 -17.25 5.63 18.80
CA PRO A 139 -17.98 4.61 18.04
C PRO A 139 -19.40 5.02 17.65
N LEU A 140 -20.06 5.83 18.47
CA LEU A 140 -21.42 6.28 18.16
C LEU A 140 -21.42 7.52 17.27
N SER A 141 -20.64 8.53 17.64
CA SER A 141 -20.65 9.79 16.89
C SER A 141 -20.16 9.59 15.46
N TYR A 142 -19.12 8.78 15.27
CA TYR A 142 -18.54 8.61 13.95
C TYR A 142 -19.48 7.82 13.03
N ARG A 143 -20.03 6.72 13.54
CA ARG A 143 -20.90 5.87 12.72
C ARG A 143 -22.15 6.61 12.28
N ALA A 144 -22.77 7.37 13.19
CA ALA A 144 -23.98 8.11 12.83
C ALA A 144 -23.68 9.18 11.80
N LYS A 145 -22.54 9.85 11.93
CA LYS A 145 -22.16 10.90 10.98
C LYS A 145 -21.57 10.35 9.70
N ARG A 146 -21.30 9.05 9.62
CA ARG A 146 -20.73 8.43 8.43
C ARG A 146 -21.84 7.75 7.63
N THR A 147 -22.00 8.19 6.39
CA THR A 147 -22.99 7.68 5.45
C THR A 147 -22.26 7.18 4.21
N PRO A 148 -22.91 6.34 3.39
CA PRO A 148 -22.22 5.86 2.18
C PRO A 148 -21.72 6.98 1.29
N ARG A 149 -22.44 8.10 1.21
CA ARG A 149 -21.94 9.24 0.46
C ARG A 149 -20.67 9.81 1.09
N ARG A 150 -20.65 9.91 2.42
CA ARG A 150 -19.49 10.47 3.11
C ARG A 150 -18.28 9.55 2.99
N ALA A 151 -18.49 8.24 3.17
CA ALA A 151 -17.38 7.29 3.05
C ALA A 151 -16.81 7.28 1.64
N ALA A 152 -17.67 7.32 0.63
CA ALA A 152 -17.19 7.39 -0.75
C ALA A 152 -16.41 8.67 -1.00
N LEU A 153 -16.85 9.79 -0.42
CA LEU A 153 -16.12 11.04 -0.56
C LEU A 153 -14.75 10.95 0.12
N MET A 154 -14.68 10.28 1.27
CA MET A 154 -13.40 10.11 1.96
C MET A 154 -12.42 9.34 1.09
N ILE A 155 -12.90 8.29 0.41
CA ILE A 155 -12.05 7.56 -0.53
C ILE A 155 -11.61 8.47 -1.67
N GLY A 156 -12.49 9.37 -2.12
CA GLY A 156 -12.11 10.31 -3.15
C GLY A 156 -10.97 11.22 -2.75
N LEU A 157 -10.95 11.65 -1.49
CA LEU A 157 -9.83 12.45 -1.00
C LEU A 157 -8.56 11.64 -0.85
N ALA A 158 -8.67 10.35 -0.49
CA ALA A 158 -7.48 9.51 -0.41
C ALA A 158 -6.83 9.31 -1.77
N TRP A 159 -7.62 9.33 -2.84
CA TRP A 159 -7.10 9.21 -4.20
C TRP A 159 -6.74 10.56 -4.80
N LEU A 160 -7.45 11.62 -4.43
CA LEU A 160 -7.11 12.95 -4.94
C LEU A 160 -5.82 13.46 -4.31
N VAL A 161 -5.63 13.23 -3.02
CA VAL A 161 -4.39 13.62 -2.36
C VAL A 161 -3.21 12.85 -2.94
N SER A 162 -3.40 11.55 -3.17
CA SER A 162 -2.36 10.76 -3.81
C SER A 162 -2.08 11.26 -5.22
N PHE A 163 -3.12 11.67 -5.94
CA PHE A 163 -2.94 12.15 -7.30
C PHE A 163 -2.12 13.44 -7.33
N VAL A 164 -2.51 14.42 -6.51
CA VAL A 164 -1.83 15.72 -6.53
C VAL A 164 -0.41 15.60 -6.00
N LEU A 165 -0.21 14.76 -4.97
CA LEU A 165 1.10 14.65 -4.35
C LEU A 165 2.14 14.12 -5.32
N TRP A 166 1.77 13.19 -6.18
CA TRP A 166 2.73 12.44 -6.98
C TRP A 166 2.61 12.71 -8.48
N ALA A 167 1.40 12.69 -9.04
CA ALA A 167 1.27 12.77 -10.49
C ALA A 167 1.82 14.06 -11.09
N PRO A 168 1.52 15.27 -10.56
CA PRO A 168 2.11 16.48 -11.15
C PRO A 168 3.63 16.50 -11.10
N ALA A 169 4.19 16.14 -9.94
CA ALA A 169 5.64 16.22 -9.76
C ALA A 169 6.36 15.25 -10.69
N ILE A 170 5.88 14.01 -10.79
CA ILE A 170 6.54 13.02 -11.62
C ILE A 170 6.35 13.34 -13.10
N LEU A 171 5.13 13.70 -13.49
CA LEU A 171 4.81 13.88 -14.90
C LEU A 171 5.32 15.20 -15.47
N PHE A 172 5.64 16.18 -14.64
CA PHE A 172 5.97 17.50 -15.17
C PHE A 172 7.14 18.21 -14.49
N TRP A 173 7.91 17.56 -13.61
CA TRP A 173 9.05 18.28 -13.04
C TRP A 173 10.14 18.47 -14.07
N GLN A 174 10.14 17.65 -15.12
CA GLN A 174 11.01 17.85 -16.27
C GLN A 174 10.65 19.10 -17.06
N TYR A 175 9.49 19.71 -16.78
CA TYR A 175 9.13 21.02 -17.31
C TYR A 175 9.15 22.12 -16.27
N LEU A 176 8.97 21.79 -14.99
CA LEU A 176 9.22 22.77 -13.93
C LEU A 176 10.69 23.19 -13.95
N VAL A 177 11.58 22.22 -14.08
CA VAL A 177 12.97 22.46 -14.45
C VAL A 177 13.14 21.87 -15.84
N GLY A 178 13.41 22.73 -16.83
CA GLY A 178 13.34 22.33 -18.23
C GLY A 178 14.48 21.47 -18.72
N GLU A 179 14.54 20.23 -18.24
CA GLU A 179 15.56 19.27 -18.64
C GLU A 179 15.15 17.90 -18.13
N ARG A 180 15.28 16.89 -18.99
CA ARG A 180 14.97 15.50 -18.63
C ARG A 180 16.21 14.92 -17.97
N THR A 181 16.22 14.88 -16.63
CA THR A 181 17.35 14.35 -15.90
C THR A 181 17.39 12.83 -15.91
N VAL A 182 16.23 12.17 -16.07
CA VAL A 182 16.20 10.72 -16.08
C VAL A 182 16.97 10.19 -17.29
N LEU A 183 17.85 9.24 -17.03
CA LEU A 183 18.69 8.64 -18.04
C LEU A 183 17.84 7.86 -19.04
N ALA A 184 18.16 8.00 -20.33
CA ALA A 184 17.44 7.29 -21.38
C ALA A 184 17.73 5.81 -21.28
N GLY A 185 16.69 5.01 -21.09
CA GLY A 185 16.82 3.61 -20.77
C GLY A 185 16.62 3.30 -19.31
N GLN A 186 16.74 4.30 -18.44
CA GLN A 186 16.42 4.18 -17.02
C GLN A 186 15.06 4.82 -16.76
N CYS A 187 14.45 4.46 -15.63
CA CYS A 187 13.12 4.95 -15.31
C CYS A 187 13.01 5.09 -13.79
N TYR A 188 13.27 6.29 -13.28
CA TYR A 188 13.13 6.61 -11.87
C TYR A 188 12.46 7.96 -11.73
N ILE A 189 12.02 8.29 -10.51
CA ILE A 189 11.36 9.55 -10.26
C ILE A 189 12.31 10.70 -10.59
N GLN A 190 11.87 11.58 -11.49
CA GLN A 190 12.78 12.52 -12.13
C GLN A 190 13.13 13.71 -11.22
N PHE A 191 12.36 13.96 -10.16
CA PHE A 191 12.60 15.09 -9.27
C PHE A 191 13.44 14.73 -8.06
N LEU A 192 13.89 13.49 -7.95
CA LEU A 192 14.64 13.08 -6.76
C LEU A 192 16.07 13.63 -6.74
N SER A 193 16.50 14.28 -7.82
CA SER A 193 17.78 15.00 -7.77
C SER A 193 17.68 16.20 -6.84
N GLN A 194 16.48 16.73 -6.63
CA GLN A 194 16.30 17.82 -5.69
C GLN A 194 16.49 17.32 -4.26
N PRO A 195 17.32 17.98 -3.45
CA PRO A 195 17.62 17.45 -2.12
C PRO A 195 16.57 17.73 -1.05
N ILE A 196 15.69 18.71 -1.26
CA ILE A 196 14.70 19.05 -0.23
C ILE A 196 13.29 18.69 -0.70
N ILE A 197 13.09 18.62 -2.02
CA ILE A 197 11.81 18.17 -2.54
C ILE A 197 11.62 16.68 -2.27
N THR A 198 12.71 15.91 -2.37
CA THR A 198 12.65 14.49 -2.03
C THR A 198 12.33 14.29 -0.55
N PHE A 199 12.97 15.08 0.32
CA PHE A 199 12.71 14.96 1.75
C PHE A 199 11.28 15.33 2.08
N GLY A 200 10.75 16.38 1.44
CA GLY A 200 9.38 16.78 1.71
C GLY A 200 8.37 15.74 1.28
N THR A 201 8.53 15.20 0.07
CA THR A 201 7.55 14.24 -0.43
C THR A 201 7.69 12.87 0.23
N ALA A 202 8.90 12.53 0.68
CA ALA A 202 9.05 11.31 1.48
C ALA A 202 8.41 11.46 2.86
N MET A 203 8.32 12.68 3.37
CA MET A 203 7.60 12.91 4.62
C MET A 203 6.10 12.80 4.40
N ALA A 204 5.59 13.41 3.33
CA ALA A 204 4.15 13.40 3.08
C ALA A 204 3.64 12.04 2.62
N ALA A 205 4.51 11.21 2.05
CA ALA A 205 4.10 9.91 1.53
C ALA A 205 4.37 8.77 2.48
N PHE A 206 5.52 8.77 3.16
CA PHE A 206 5.84 7.71 4.10
C PHE A 206 5.97 8.15 5.55
N TYR A 207 6.81 9.14 5.87
CA TYR A 207 7.20 9.41 7.25
C TYR A 207 6.06 9.93 8.11
N LEU A 208 5.35 10.97 7.65
CA LEU A 208 4.17 11.43 8.39
C LEU A 208 3.07 10.38 8.40
N PRO A 209 2.72 9.72 7.29
CA PRO A 209 1.75 8.62 7.37
C PRO A 209 2.17 7.49 8.29
N VAL A 210 3.46 7.17 8.37
CA VAL A 210 3.92 6.10 9.25
C VAL A 210 3.82 6.50 10.71
N THR A 211 4.22 7.72 11.06
CA THR A 211 4.06 8.20 12.42
C THR A 211 2.60 8.37 12.80
N VAL A 212 1.77 8.88 11.88
CA VAL A 212 0.35 9.01 12.16
C VAL A 212 -0.30 7.63 12.32
N MET A 213 0.02 6.70 11.42
CA MET A 213 -0.56 5.36 11.52
C MET A 213 -0.08 4.66 12.78
N CYS A 214 1.20 4.80 13.12
CA CYS A 214 1.72 4.19 14.33
C CYS A 214 1.08 4.78 15.57
N THR A 215 0.93 6.11 15.62
CA THR A 215 0.26 6.73 16.76
C THR A 215 -1.20 6.32 16.83
N LEU A 216 -1.92 6.39 15.71
CA LEU A 216 -3.33 6.05 15.71
C LEU A 216 -3.56 4.60 16.12
N TYR A 217 -2.76 3.68 15.57
CA TYR A 217 -2.88 2.28 15.97
C TYR A 217 -2.35 2.03 17.37
N TRP A 218 -1.49 2.93 17.87
CA TRP A 218 -1.07 2.84 19.26
C TRP A 218 -2.19 3.24 20.20
N ARG A 219 -2.95 4.28 19.84
CA ARG A 219 -4.14 4.64 20.61
C ARG A 219 -5.23 3.61 20.45
N ILE A 220 -5.29 2.93 19.31
CA ILE A 220 -6.23 1.82 19.15
C ILE A 220 -5.87 0.68 20.08
N TYR A 221 -4.57 0.37 20.21
CA TYR A 221 -4.15 -0.67 21.13
C TYR A 221 -4.46 -0.29 22.58
N ARG A 222 -4.21 0.96 22.96
CA ARG A 222 -4.52 1.41 24.30
C ARG A 222 -6.03 1.44 24.53
N GLU A 223 -6.79 1.93 23.56
CA GLU A 223 -8.25 1.98 23.69
C GLU A 223 -8.85 0.59 23.81
N THR A 224 -8.27 -0.40 23.12
CA THR A 224 -8.68 -1.77 23.30
C THR A 224 -8.40 -2.25 24.72
N LYS A 225 -7.25 -1.86 25.29
CA LYS A 225 -6.94 -2.23 26.67
C LYS A 225 -7.90 -1.57 27.65
N ARG A 226 -8.20 -0.28 27.45
CA ARG A 226 -9.16 0.39 28.32
C ARG A 226 -10.55 -0.21 28.17
N ALA A 227 -10.93 -0.59 26.95
CA ALA A 227 -12.20 -1.27 26.74
C ALA A 227 -12.27 -2.60 27.46
N GLY A 228 -11.13 -3.18 27.81
CA GLY A 228 -11.16 -4.40 28.59
C GLY A 228 -11.65 -4.17 30.00
N GLU A 229 -10.98 -3.28 30.73
CA GLU A 229 -11.38 -2.98 32.11
C GLU A 229 -12.74 -2.29 32.15
N ARG A 230 -12.94 -1.35 31.23
CA ARG A 230 -14.19 -0.59 31.17
C ARG A 230 -15.39 -1.53 31.08
N LEU A 231 -15.37 -2.42 30.10
CA LEU A 231 -16.47 -3.35 29.92
C LEU A 231 -16.59 -4.30 31.11
N ALA A 232 -15.48 -4.61 31.78
CA ALA A 232 -15.54 -5.49 32.94
C ALA A 232 -16.27 -4.81 34.10
N LYS A 233 -15.95 -3.55 34.37
CA LYS A 233 -16.61 -2.83 35.46
C LYS A 233 -18.07 -2.55 35.12
N LEU A 234 -18.37 -2.32 33.84
CA LEU A 234 -19.77 -2.19 33.43
C LEU A 234 -20.53 -3.48 33.68
N LEU A 235 -19.93 -4.62 33.34
CA LEU A 235 -20.54 -5.92 33.61
C LEU A 235 -20.83 -6.09 35.10
N GLU A 236 -19.93 -5.59 35.95
CA GLU A 236 -20.19 -5.61 37.39
C GLU A 236 -21.40 -4.76 37.73
N LYS A 237 -21.55 -3.61 37.07
CA LYS A 237 -22.59 -2.65 37.42
C LYS A 237 -23.97 -3.08 36.93
N PHE A 238 -24.06 -4.00 35.96
CA PHE A 238 -25.35 -4.60 35.64
C PHE A 238 -25.88 -5.38 36.83
N GLU A 239 -25.01 -6.07 37.55
CA GLU A 239 -25.45 -6.83 38.73
C GLU A 239 -25.97 -5.90 39.82
N ALA A 240 -25.27 -4.79 40.06
CA ALA A 240 -25.65 -3.88 41.13
C ALA A 240 -26.97 -3.18 40.82
N LEU A 241 -27.08 -2.61 39.62
CA LEU A 241 -28.29 -1.89 39.24
C LEU A 241 -29.42 -2.87 38.97
N PRO A 242 -30.62 -2.63 39.50
CA PRO A 242 -31.76 -3.50 39.18
C PRO A 242 -32.09 -3.43 37.69
N LEU A 243 -32.60 -4.55 37.16
CA LEU A 243 -32.89 -4.62 35.74
C LEU A 243 -33.95 -3.60 35.33
N GLU A 244 -34.87 -3.27 36.22
CA GLU A 244 -35.90 -2.29 35.90
C GLU A 244 -35.32 -0.90 35.70
N ASP A 245 -34.30 -0.54 36.49
CA ASP A 245 -33.62 0.74 36.28
C ASP A 245 -32.89 0.78 34.94
N ILE A 246 -32.29 -0.34 34.54
CA ILE A 246 -31.64 -0.41 33.24
C ILE A 246 -32.66 -0.30 32.12
N VAL A 247 -33.79 -0.98 32.26
CA VAL A 247 -34.83 -0.94 31.23
C VAL A 247 -35.42 0.46 31.13
N ALA A 248 -35.71 1.10 32.27
CA ALA A 248 -36.26 2.44 32.26
C ALA A 248 -35.27 3.45 31.70
N ALA A 249 -33.97 3.23 31.91
CA ALA A 249 -32.98 4.10 31.29
C ALA A 249 -32.84 3.83 29.80
N LEU A 250 -33.06 2.58 29.37
CA LEU A 250 -33.14 2.29 27.94
C LEU A 250 -34.31 3.00 27.29
N LYS A 251 -35.47 3.00 27.94
CA LYS A 251 -36.61 3.75 27.43
C LYS A 251 -36.36 5.26 27.47
N ALA A 252 -35.69 5.75 28.50
CA ALA A 252 -35.38 7.17 28.61
C ALA A 252 -34.34 7.63 27.58
N LEU A 253 -33.57 6.72 27.02
CA LEU A 253 -32.62 7.06 25.95
C LEU A 253 -33.18 6.79 24.56
N LEU A 254 -34.08 5.82 24.42
CA LEU A 254 -34.71 5.51 23.15
C LEU A 254 -35.97 6.33 22.89
N ALA A 255 -36.47 7.05 23.89
CA ALA A 255 -37.59 7.95 23.69
C ALA A 255 -37.15 9.30 23.17
N THR A 256 -36.09 9.86 23.76
CA THR A 256 -35.51 11.09 23.25
C THR A 256 -34.91 10.82 21.87
N ASN A 257 -35.56 11.32 20.83
CA ASN A 257 -35.15 11.01 19.47
C ASN A 257 -33.77 11.58 19.18
N ARG A 258 -32.77 10.71 19.13
CA ARG A 258 -31.40 11.10 18.83
C ARG A 258 -30.89 10.21 17.69
N PRO A 259 -30.35 10.80 16.62
CA PRO A 259 -29.82 9.98 15.53
C PRO A 259 -28.65 9.10 15.94
N GLU A 260 -27.96 9.45 17.03
CA GLU A 260 -26.85 8.63 17.50
C GLU A 260 -27.34 7.26 17.98
N ILE A 261 -28.45 7.22 18.69
CA ILE A 261 -28.98 5.98 19.23
C ILE A 261 -29.92 5.28 18.28
N GLN A 262 -30.63 6.02 17.42
CA GLN A 262 -31.52 5.39 16.46
C GLN A 262 -30.75 4.47 15.52
N LEU A 263 -29.58 4.89 15.06
CA LEU A 263 -28.72 4.00 14.28
C LEU A 263 -28.17 2.87 15.14
N ALA A 264 -27.85 3.15 16.40
CA ALA A 264 -27.26 2.12 17.26
C ALA A 264 -28.24 0.98 17.49
N VAL A 265 -29.52 1.28 17.66
CA VAL A 265 -30.51 0.23 17.87
C VAL A 265 -30.62 -0.66 16.63
N LYS A 266 -30.64 -0.06 15.45
CA LYS A 266 -30.74 -0.86 14.22
C LYS A 266 -29.51 -1.74 14.04
N THR A 267 -28.32 -1.18 14.29
CA THR A 267 -27.10 -1.97 14.17
C THR A 267 -27.06 -3.10 15.19
N ILE A 268 -27.49 -2.81 16.43
CA ILE A 268 -27.49 -3.83 17.48
C ILE A 268 -28.46 -4.96 17.13
N VAL A 269 -29.65 -4.61 16.65
CA VAL A 269 -30.65 -5.62 16.34
C VAL A 269 -30.22 -6.44 15.13
N GLU A 270 -29.56 -5.81 14.16
CA GLU A 270 -29.16 -6.51 12.95
C GLU A 270 -28.15 -7.62 13.25
N ASN A 271 -27.21 -7.36 14.16
CA ASN A 271 -26.16 -8.31 14.49
C ASN A 271 -26.55 -9.27 15.62
N PHE A 272 -27.79 -9.22 16.09
CA PHE A 272 -28.25 -10.16 17.11
C PHE A 272 -28.19 -11.62 16.67
N PRO A 273 -28.62 -11.98 15.45
CA PRO A 273 -28.55 -13.40 15.07
C PRO A 273 -27.16 -14.00 15.14
N GLU A 274 -26.12 -13.23 14.79
CA GLU A 274 -24.75 -13.70 14.88
C GLU A 274 -24.05 -13.23 16.15
N ILE A 275 -24.80 -12.68 17.10
CA ILE A 275 -24.24 -12.40 18.42
C ILE A 275 -24.51 -13.54 19.40
N LYS A 276 -25.63 -14.24 19.24
CA LYS A 276 -25.92 -15.39 20.07
C LYS A 276 -25.02 -16.58 19.75
N LYS A 277 -24.33 -16.55 18.60
CA LYS A 277 -23.38 -17.60 18.28
C LYS A 277 -22.24 -17.64 19.29
N GLU A 278 -21.74 -16.47 19.68
CA GLU A 278 -20.70 -16.40 20.70
C GLU A 278 -21.23 -16.74 22.09
N ALA A 279 -22.55 -16.67 22.29
CA ALA A 279 -23.12 -17.09 23.57
C ALA A 279 -22.88 -18.58 23.80
N GLU A 280 -23.04 -19.40 22.75
CA GLU A 280 -22.70 -20.81 22.85
C GLU A 280 -21.21 -21.00 23.09
N LYS A 281 -20.38 -20.14 22.49
CA LYS A 281 -18.94 -20.20 22.64
C LYS A 281 -18.44 -19.48 23.89
N LEU A 282 -19.35 -19.02 24.75
CA LEU A 282 -18.96 -18.34 25.98
C LEU A 282 -18.59 -19.37 27.05
N THR A 283 -18.24 -18.86 28.24
CA THR A 283 -17.89 -19.74 29.33
C THR A 283 -19.12 -20.50 29.83
N PRO A 284 -18.90 -21.62 30.53
CA PRO A 284 -20.04 -22.41 31.01
C PRO A 284 -20.94 -21.64 31.98
N GLU A 285 -20.34 -21.03 33.00
CA GLU A 285 -21.11 -20.24 33.94
C GLU A 285 -21.72 -19.02 33.27
N GLN A 286 -20.98 -18.39 32.37
CA GLN A 286 -21.48 -17.20 31.68
C GLN A 286 -22.69 -17.51 30.81
N LYS A 287 -22.75 -18.73 30.27
CA LYS A 287 -23.90 -19.11 29.46
C LYS A 287 -25.18 -19.13 30.29
N ALA A 288 -25.10 -19.63 31.52
CA ALA A 288 -26.26 -19.63 32.40
C ALA A 288 -26.64 -18.21 32.80
N LYS A 289 -25.65 -17.32 32.96
CA LYS A 289 -25.95 -15.94 33.33
C LYS A 289 -26.75 -15.24 32.23
N LEU A 290 -26.36 -15.45 30.96
CA LEU A 290 -27.11 -14.87 29.86
C LEU A 290 -28.50 -15.49 29.75
N ALA A 291 -28.61 -16.80 29.97
CA ALA A 291 -29.91 -17.47 29.88
C ALA A 291 -30.87 -16.96 30.94
N ALA A 292 -30.38 -16.77 32.16
CA ALA A 292 -31.22 -16.23 33.22
C ALA A 292 -31.66 -14.81 32.91
N LEU A 293 -30.74 -13.99 32.39
CA LEU A 293 -31.06 -12.60 32.13
C LEU A 293 -32.09 -12.46 31.00
N GLU A 294 -31.96 -13.27 29.95
CA GLU A 294 -32.93 -13.19 28.86
C GLU A 294 -34.29 -13.75 29.27
N ALA A 295 -34.31 -14.61 30.28
CA ALA A 295 -35.59 -15.10 30.80
C ALA A 295 -36.40 -13.96 31.41
N GLN A 296 -35.73 -13.07 32.14
CA GLN A 296 -36.42 -11.90 32.69
C GLN A 296 -36.83 -10.93 31.59
N LEU A 297 -36.09 -10.90 30.49
CA LEU A 297 -36.41 -10.01 29.38
C LEU A 297 -37.56 -10.53 28.52
N ALA A 298 -38.20 -11.64 28.91
CA ALA A 298 -39.30 -12.19 28.13
C ALA A 298 -40.48 -11.22 28.13
N ASP A 299 -41.29 -11.30 27.07
CA ASP A 299 -42.44 -10.43 26.83
C ASP A 299 -42.07 -8.96 26.70
N LEU A 300 -40.90 -8.68 26.13
CA LEU A 300 -40.43 -7.32 25.89
C LEU A 300 -40.30 -7.08 24.38
N PRO A 301 -40.38 -5.83 23.93
CA PRO A 301 -40.35 -5.57 22.49
C PRO A 301 -39.02 -5.99 21.86
N GLU A 302 -39.06 -6.20 20.54
CA GLU A 302 -37.90 -6.66 19.81
C GLU A 302 -36.79 -5.61 19.76
N GLU A 303 -37.15 -4.33 19.77
CA GLU A 303 -36.17 -3.26 19.72
C GLU A 303 -35.62 -2.91 21.10
N LEU A 304 -36.08 -3.58 22.16
CA LEU A 304 -35.60 -3.33 23.50
C LEU A 304 -35.03 -4.56 24.19
N ARG A 305 -35.60 -5.74 23.98
CA ARG A 305 -35.03 -6.97 24.52
C ARG A 305 -33.77 -7.39 23.80
N LYS A 306 -33.73 -7.25 22.48
CA LYS A 306 -32.50 -7.54 21.74
C LYS A 306 -31.44 -6.47 21.95
N VAL A 307 -31.85 -5.22 22.12
CA VAL A 307 -30.89 -4.16 22.41
C VAL A 307 -30.25 -4.37 23.77
N LEU A 308 -31.03 -4.75 24.77
CA LEU A 308 -30.48 -5.01 26.09
C LEU A 308 -29.61 -6.25 26.10
N LEU A 309 -29.99 -7.28 25.33
CA LEU A 309 -29.23 -8.52 25.32
C LEU A 309 -27.85 -8.35 24.71
N SER A 310 -27.71 -7.48 23.72
CA SER A 310 -26.41 -7.25 23.10
C SER A 310 -25.42 -6.64 24.08
N MET A 311 -25.89 -5.69 24.92
CA MET A 311 -25.00 -5.06 25.87
C MET A 311 -24.43 -6.07 26.86
N TYR A 312 -25.27 -6.97 27.36
CA TYR A 312 -24.80 -7.95 28.33
C TYR A 312 -23.78 -8.90 27.72
N LEU A 313 -24.03 -9.36 26.50
CA LEU A 313 -23.09 -10.27 25.85
C LEU A 313 -21.79 -9.57 25.50
N THR A 314 -21.85 -8.30 25.09
CA THR A 314 -20.64 -7.55 24.74
C THR A 314 -19.72 -7.40 25.95
N GLY A 315 -20.26 -7.03 27.10
CA GLY A 315 -19.44 -6.93 28.29
C GLY A 315 -19.07 -8.27 28.89
N LEU A 316 -19.85 -9.32 28.59
CA LEU A 316 -19.54 -10.65 29.09
C LEU A 316 -18.39 -11.28 28.33
N LEU A 317 -18.37 -11.13 27.00
CA LEU A 317 -17.35 -11.76 26.18
C LEU A 317 -16.06 -10.96 26.17
N TYR A 318 -16.16 -9.65 25.97
CA TYR A 318 -14.99 -8.79 25.85
C TYR A 318 -14.60 -8.13 27.17
N GLY A 319 -15.27 -8.48 28.27
CA GLY A 319 -14.91 -7.91 29.55
C GLY A 319 -13.52 -8.33 30.01
N GLY A 320 -13.09 -9.53 29.64
CA GLY A 320 -11.76 -10.00 30.01
C GLY A 320 -11.57 -10.14 31.50
N SER A 321 -12.25 -11.11 32.11
CA SER A 321 -12.23 -11.26 33.56
C SER A 321 -10.81 -11.50 34.08
N GLU A 322 -10.20 -12.61 33.69
CA GLU A 322 -8.88 -12.95 34.20
C GLU A 322 -7.84 -13.03 33.10
N GLU A 323 -8.14 -13.77 32.03
CA GLU A 323 -7.19 -13.99 30.95
C GLU A 323 -7.74 -13.68 29.57
N ASN A 324 -9.06 -13.54 29.41
CA ASN A 324 -9.62 -13.19 28.11
C ASN A 324 -9.17 -11.80 27.66
N ARG A 325 -8.98 -10.88 28.60
CA ARG A 325 -8.46 -9.57 28.24
C ARG A 325 -7.04 -9.66 27.68
N LYS A 326 -6.20 -10.49 28.31
CA LYS A 326 -4.84 -10.66 27.82
C LYS A 326 -4.83 -11.31 26.44
N ARG A 327 -5.69 -12.31 26.22
CA ARG A 327 -5.76 -12.95 24.92
C ARG A 327 -6.23 -11.99 23.84
N ALA A 328 -7.23 -11.15 24.15
CA ALA A 328 -7.73 -10.21 23.16
C ALA A 328 -6.75 -9.07 22.92
N ILE A 329 -6.09 -8.58 23.98
CA ILE A 329 -5.11 -7.51 23.81
C ILE A 329 -3.91 -8.00 23.03
N GLU A 330 -3.44 -9.21 23.31
CA GLU A 330 -2.34 -9.78 22.54
C GLU A 330 -2.77 -10.12 21.11
N LYS A 331 -4.03 -10.53 20.92
CA LYS A 331 -4.53 -10.77 19.58
C LYS A 331 -4.50 -9.49 18.75
N ALA A 332 -4.92 -8.37 19.34
CA ALA A 332 -4.79 -7.09 18.67
C ALA A 332 -3.34 -6.72 18.44
N ALA A 333 -2.47 -7.02 19.40
CA ALA A 333 -1.05 -6.71 19.26
C ALA A 333 -0.43 -7.46 18.08
N ARG A 334 -0.76 -8.75 17.94
CA ARG A 334 -0.23 -9.54 16.83
C ARG A 334 -0.77 -9.05 15.49
N THR A 335 -2.07 -8.76 15.41
CA THR A 335 -2.65 -8.27 14.17
C THR A 335 -2.08 -6.91 13.79
N LEU A 336 -1.97 -6.00 14.75
CA LEU A 336 -1.42 -4.68 14.48
C LEU A 336 0.06 -4.72 14.16
N SER A 337 0.82 -5.60 14.82
CA SER A 337 2.23 -5.76 14.46
C SER A 337 2.38 -6.31 13.04
N ALA A 338 1.55 -7.29 12.67
CA ALA A 338 1.61 -7.82 11.31
C ALA A 338 1.21 -6.75 10.29
N ILE A 339 0.18 -5.98 10.59
CA ILE A 339 -0.26 -4.92 9.68
C ILE A 339 0.81 -3.85 9.54
N LEU A 340 1.37 -3.39 10.66
CA LEU A 340 2.36 -2.32 10.61
C LEU A 340 3.69 -2.80 10.06
N LEU A 341 4.18 -3.97 10.50
CA LEU A 341 5.45 -4.48 9.99
C LEU A 341 5.38 -4.81 8.50
N ALA A 342 4.18 -5.07 7.96
CA ALA A 342 4.03 -5.17 6.52
C ALA A 342 4.22 -3.83 5.83
N PHE A 343 4.28 -2.74 6.59
CA PHE A 343 4.56 -1.39 6.08
C PHE A 343 6.02 -0.99 6.29
N ILE A 344 6.57 -1.20 7.49
CA ILE A 344 7.97 -0.89 7.73
C ILE A 344 8.89 -1.82 6.93
N LEU A 345 8.65 -3.13 7.01
CA LEU A 345 9.54 -4.06 6.33
C LEU A 345 9.41 -3.98 4.81
N THR A 346 8.40 -3.28 4.30
CA THR A 346 8.18 -3.13 2.87
C THR A 346 8.56 -1.76 2.33
N TRP A 347 8.40 -0.71 3.13
CA TRP A 347 8.61 0.66 2.68
C TRP A 347 9.80 1.34 3.33
N THR A 348 10.09 1.06 4.60
CA THR A 348 11.21 1.71 5.27
C THR A 348 12.55 1.49 4.57
N PRO A 349 12.92 0.29 4.10
CA PRO A 349 14.20 0.18 3.38
C PRO A 349 14.28 1.09 2.15
N TYR A 350 13.17 1.29 1.45
CA TYR A 350 13.19 2.20 0.31
C TYR A 350 13.37 3.65 0.75
N ASN A 351 12.57 4.08 1.74
CA ASN A 351 12.59 5.48 2.14
C ASN A 351 13.83 5.85 2.94
N ILE A 352 14.37 4.91 3.73
CA ILE A 352 15.61 5.18 4.44
C ILE A 352 16.75 5.39 3.45
N MET A 353 16.82 4.58 2.40
CA MET A 353 17.89 4.71 1.42
C MET A 353 17.73 5.96 0.57
N VAL A 354 16.51 6.45 0.39
CA VAL A 354 16.31 7.70 -0.34
C VAL A 354 16.82 8.88 0.48
N LEU A 355 16.53 8.90 1.78
CA LEU A 355 17.03 9.96 2.65
C LEU A 355 18.54 9.86 2.83
N VAL A 356 19.06 8.64 3.00
CA VAL A 356 20.49 8.46 3.20
C VAL A 356 21.27 8.93 1.97
N SER A 357 20.76 8.56 0.80
CA SER A 357 21.40 8.92 -0.47
C SER A 357 21.45 10.44 -0.65
N THR A 358 20.44 11.14 -0.15
CA THR A 358 20.40 12.59 -0.28
C THR A 358 21.50 13.26 0.53
N PHE A 359 22.07 12.57 1.52
CA PHE A 359 23.18 13.08 2.32
C PHE A 359 24.52 12.57 1.82
N CYS A 360 24.68 11.26 1.67
CA CYS A 360 25.87 10.66 1.06
C CYS A 360 25.41 9.98 -0.23
N LYS A 361 25.77 10.58 -1.37
CA LYS A 361 25.34 10.03 -2.64
C LYS A 361 25.95 8.66 -2.88
N ASP A 362 27.24 8.50 -2.56
CA ASP A 362 27.95 7.24 -2.75
C ASP A 362 27.72 6.33 -1.53
N CYS A 363 26.49 5.85 -1.42
CA CYS A 363 26.08 4.96 -0.35
C CYS A 363 25.09 3.94 -0.90
N VAL A 364 24.66 3.01 -0.05
CA VAL A 364 23.65 1.98 -0.32
C VAL A 364 23.83 1.39 -1.72
N PRO A 365 24.80 0.49 -1.91
CA PRO A 365 25.10 -0.05 -3.25
C PRO A 365 23.87 -0.46 -4.06
N GLU A 366 24.01 -0.39 -5.40
CA GLU A 366 22.85 -0.50 -6.28
C GLU A 366 22.10 -1.81 -6.07
N THR A 367 22.81 -2.90 -5.74
CA THR A 367 22.14 -4.17 -5.53
C THR A 367 21.14 -4.08 -4.39
N LEU A 368 21.50 -3.37 -3.31
CA LEU A 368 20.57 -3.16 -2.21
C LEU A 368 19.37 -2.33 -2.65
N TRP A 369 19.61 -1.27 -3.42
CA TRP A 369 18.51 -0.39 -3.81
C TRP A 369 17.52 -1.08 -4.75
N GLU A 370 18.03 -1.86 -5.69
CA GLU A 370 17.19 -2.57 -6.64
C GLU A 370 16.22 -3.50 -5.93
N LEU A 371 16.74 -4.27 -4.98
CA LEU A 371 15.92 -5.22 -4.23
C LEU A 371 14.90 -4.48 -3.36
N GLY A 372 15.26 -3.27 -2.92
CA GLY A 372 14.38 -2.48 -2.09
C GLY A 372 13.28 -1.77 -2.84
N TYR A 373 13.50 -1.47 -4.12
CA TYR A 373 12.46 -0.89 -4.96
C TYR A 373 11.42 -1.92 -5.34
N TRP A 374 11.85 -3.15 -5.64
CA TRP A 374 10.91 -4.23 -5.88
C TRP A 374 10.15 -4.59 -4.61
N LEU A 375 10.81 -4.48 -3.46
CA LEU A 375 10.22 -4.92 -2.21
C LEU A 375 8.95 -4.15 -1.87
N CYS A 376 8.81 -2.93 -2.40
CA CYS A 376 7.62 -2.14 -2.12
C CYS A 376 6.37 -2.80 -2.68
N TYR A 377 6.47 -3.41 -3.87
CA TYR A 377 5.31 -4.08 -4.46
C TYR A 377 4.87 -5.30 -3.67
N VAL A 378 5.70 -5.80 -2.75
CA VAL A 378 5.31 -6.95 -1.94
C VAL A 378 4.13 -6.61 -1.05
N ASN A 379 3.91 -5.32 -0.75
CA ASN A 379 2.74 -4.93 0.01
C ASN A 379 1.46 -5.14 -0.78
N SER A 380 1.52 -4.95 -2.09
CA SER A 380 0.31 -5.05 -2.92
C SER A 380 -0.19 -6.48 -3.01
N THR A 381 0.71 -7.47 -2.93
CA THR A 381 0.30 -8.87 -2.97
C THR A 381 -0.04 -9.42 -1.59
N ILE A 382 0.36 -8.73 -0.52
CA ILE A 382 0.04 -9.17 0.83
C ILE A 382 -1.15 -8.42 1.41
N ASN A 383 -1.44 -7.22 0.91
CA ASN A 383 -2.56 -6.44 1.45
C ASN A 383 -3.90 -7.17 1.35
N PRO A 384 -4.25 -7.87 0.27
CA PRO A 384 -5.49 -8.65 0.29
C PRO A 384 -5.52 -9.73 1.36
N MET A 385 -4.36 -10.20 1.79
CA MET A 385 -4.29 -11.21 2.84
C MET A 385 -4.30 -10.62 4.25
N CYS A 386 -4.31 -9.30 4.37
CA CYS A 386 -4.30 -8.64 5.67
C CYS A 386 -5.62 -7.98 6.03
N TYR A 387 -6.43 -7.59 5.04
CA TYR A 387 -7.69 -6.90 5.28
C TYR A 387 -8.90 -7.58 4.65
N ALA A 388 -8.80 -8.10 3.44
CA ALA A 388 -9.91 -8.78 2.79
C ALA A 388 -10.00 -10.24 3.22
N LEU A 389 -8.95 -11.01 3.02
CA LEU A 389 -8.92 -12.43 3.37
C LEU A 389 -8.99 -12.67 4.87
N CYS A 390 -8.81 -11.62 5.68
CA CYS A 390 -8.92 -11.75 7.13
C CYS A 390 -10.36 -11.77 7.60
N ASN A 391 -11.32 -11.43 6.74
CA ASN A 391 -12.73 -11.37 7.09
C ASN A 391 -13.39 -12.72 6.83
N LYS A 392 -14.38 -13.06 7.67
CA LYS A 392 -15.03 -14.36 7.56
C LYS A 392 -15.98 -14.40 6.37
N ALA A 393 -16.60 -13.27 6.02
CA ALA A 393 -17.44 -13.23 4.84
C ALA A 393 -16.62 -13.47 3.57
N PHE A 394 -15.45 -12.83 3.49
CA PHE A 394 -14.47 -13.22 2.50
C PHE A 394 -13.86 -14.56 2.90
N ARG A 395 -12.96 -15.06 2.05
CA ARG A 395 -12.21 -16.29 2.29
C ARG A 395 -13.13 -17.50 2.19
N ASP A 396 -14.44 -17.25 2.05
CA ASP A 396 -15.41 -18.28 1.79
C ASP A 396 -16.18 -18.06 0.50
N THR A 397 -16.43 -16.81 0.11
CA THR A 397 -16.92 -16.50 -1.23
C THR A 397 -15.84 -16.71 -2.29
N PHE A 398 -14.57 -16.58 -1.91
CA PHE A 398 -13.48 -16.87 -2.83
C PHE A 398 -13.60 -18.28 -3.39
N ARG A 399 -13.85 -19.27 -2.53
CA ARG A 399 -13.99 -20.64 -2.98
C ARG A 399 -15.23 -20.83 -3.85
N LEU A 400 -16.24 -19.99 -3.66
CA LEU A 400 -17.47 -20.07 -4.45
C LEU A 400 -17.25 -19.47 -5.84
N LEU A 401 -16.34 -18.51 -5.94
CA LEU A 401 -16.02 -17.84 -7.18
C LEU A 401 -14.74 -18.36 -7.82
N LEU A 402 -14.15 -19.41 -7.27
CA LEU A 402 -12.95 -20.02 -7.83
C LEU A 402 -13.11 -21.49 -8.13
N LEU A 403 -13.89 -22.22 -7.34
CA LEU A 403 -14.23 -23.62 -7.61
C LEU A 403 -15.47 -23.76 -8.49
N CYS A 404 -16.10 -22.65 -8.87
CA CYS A 404 -17.34 -22.65 -9.64
C CYS A 404 -18.44 -23.43 -8.93
N ARG A 405 -18.43 -23.40 -7.60
CA ARG A 405 -19.42 -24.14 -6.82
C ARG A 405 -19.59 -23.50 -5.44
N THR B 1 -33.49 9.14 36.51
CA THR B 1 -32.26 9.34 37.26
C THR B 1 -31.07 9.46 36.32
N PRO B 2 -30.42 10.62 36.33
CA PRO B 2 -29.40 10.90 35.31
C PRO B 2 -28.25 9.91 35.28
N GLU B 3 -27.89 9.33 36.42
CA GLU B 3 -26.74 8.42 36.46
C GLU B 3 -27.05 7.13 35.70
N ASN B 4 -28.32 6.74 35.63
CA ASN B 4 -28.67 5.50 34.94
C ASN B 4 -28.62 5.68 33.43
N ILE B 5 -29.09 6.81 32.92
CA ILE B 5 -29.07 7.03 31.47
C ILE B 5 -27.63 7.14 30.97
N ARG B 6 -26.78 7.87 31.69
CA ARG B 6 -25.39 7.96 31.25
C ARG B 6 -24.64 6.64 31.41
N PHE B 7 -25.11 5.75 32.30
CA PHE B 7 -24.64 4.38 32.28
C PHE B 7 -25.01 3.67 30.99
N VAL B 8 -26.25 3.86 30.53
CA VAL B 8 -26.69 3.22 29.29
C VAL B 8 -25.98 3.82 28.09
N PHE B 9 -25.74 5.13 28.09
CA PHE B 9 -25.01 5.74 26.99
C PHE B 9 -23.58 5.23 26.90
N ALA B 10 -23.03 4.72 28.01
CA ALA B 10 -21.70 4.14 28.00
C ALA B 10 -21.72 2.67 27.61
N ALA B 11 -22.71 1.91 28.09
CA ALA B 11 -22.81 0.51 27.72
C ALA B 11 -23.19 0.35 26.24
N VAL B 12 -24.10 1.18 25.75
CA VAL B 12 -24.44 1.15 24.33
C VAL B 12 -23.25 1.60 23.48
N LYS B 13 -22.52 2.61 23.96
CA LYS B 13 -21.34 3.08 23.25
C LYS B 13 -20.30 1.97 23.12
N ASP B 14 -20.15 1.16 24.16
CA ASP B 14 -19.17 0.08 24.14
C ASP B 14 -19.67 -1.15 23.39
N THR B 15 -20.99 -1.35 23.31
CA THR B 15 -21.52 -2.41 22.47
C THR B 15 -21.19 -2.16 21.01
N ILE B 16 -21.35 -0.92 20.55
CA ILE B 16 -20.91 -0.55 19.22
C ILE B 16 -19.39 -0.61 19.12
N LEU B 17 -18.69 -0.31 20.21
CA LEU B 17 -17.23 -0.36 20.22
C LEU B 17 -16.72 -1.75 19.87
N GLN B 18 -17.22 -2.77 20.55
CA GLN B 18 -16.75 -4.13 20.30
C GLN B 18 -17.31 -4.69 19.00
N LEU B 19 -18.48 -4.22 18.58
CA LEU B 19 -19.03 -4.66 17.30
C LEU B 19 -18.21 -4.13 16.13
N ASN B 20 -17.75 -2.88 16.23
CA ASN B 20 -16.86 -2.34 15.21
C ASN B 20 -15.51 -3.05 15.21
N LEU B 21 -14.98 -3.33 16.40
CA LEU B 21 -13.72 -4.06 16.50
C LEU B 21 -13.84 -5.45 15.89
N LYS B 22 -14.98 -6.11 16.10
CA LYS B 22 -15.21 -7.40 15.47
C LYS B 22 -15.23 -7.29 13.95
N GLU B 23 -15.80 -6.20 13.43
CA GLU B 23 -15.84 -6.00 11.99
C GLU B 23 -14.44 -5.82 11.40
N TYR B 24 -13.47 -5.40 12.20
CA TYR B 24 -12.09 -5.29 11.76
C TYR B 24 -11.24 -6.49 12.15
N ASN B 25 -11.85 -7.50 12.81
CA ASN B 25 -11.16 -8.69 13.28
C ASN B 25 -10.05 -8.35 14.28
N LEU B 26 -10.10 -7.14 14.84
CA LEU B 26 -9.03 -6.64 15.71
C LEU B 26 -9.19 -7.05 17.16
N VAL B 27 -10.21 -7.83 17.50
CA VAL B 27 -10.41 -8.23 18.88
C VAL B 27 -10.82 -9.70 18.95
N VAL C 2 38.17 6.90 -13.25
CA VAL C 2 37.95 6.08 -14.43
C VAL C 2 37.85 6.96 -15.68
N GLN C 3 38.64 6.62 -16.69
CA GLN C 3 38.63 7.34 -17.96
C GLN C 3 37.98 6.49 -19.04
N LEU C 4 37.04 7.08 -19.76
CA LEU C 4 36.30 6.41 -20.82
C LEU C 4 36.89 6.83 -22.17
N GLN C 5 37.81 6.04 -22.69
CA GLN C 5 38.50 6.34 -23.94
C GLN C 5 37.79 5.59 -25.07
N GLU C 6 36.99 6.32 -25.85
CA GLU C 6 36.33 5.73 -27.00
C GLU C 6 37.35 5.45 -28.11
N SER C 7 37.49 4.19 -28.48
CA SER C 7 38.52 3.75 -29.42
C SER C 7 38.06 3.84 -30.87
N GLY C 8 36.83 4.26 -31.12
CA GLY C 8 36.35 4.39 -32.48
C GLY C 8 36.45 5.81 -33.00
N GLY C 9 37.36 6.04 -33.94
CA GLY C 9 37.52 7.39 -34.48
C GLY C 9 36.29 7.87 -35.22
N GLY C 10 35.73 7.01 -36.07
CA GLY C 10 34.54 7.37 -36.83
C GLY C 10 34.85 7.86 -38.22
N LEU C 11 34.09 8.86 -38.68
CA LEU C 11 34.22 9.47 -40.00
C LEU C 11 34.06 8.46 -41.13
N VAL C 12 33.22 7.44 -40.93
CA VAL C 12 32.99 6.43 -41.95
C VAL C 12 31.82 6.87 -42.82
N GLN C 13 32.04 6.91 -44.14
CA GLN C 13 31.01 7.33 -45.08
C GLN C 13 29.84 6.35 -45.11
N SER C 17 28.29 1.44 -43.22
CA SER C 17 28.41 0.71 -41.96
C SER C 17 29.72 1.06 -41.26
N LEU C 18 29.66 1.19 -39.93
CA LEU C 18 30.83 1.53 -39.14
C LEU C 18 30.93 0.64 -37.90
N ARG C 19 31.96 0.86 -37.10
CA ARG C 19 32.18 0.08 -35.89
C ARG C 19 32.86 0.92 -34.81
N LEU C 20 32.09 1.31 -33.81
CA LEU C 20 32.61 2.13 -32.71
C LEU C 20 33.08 1.25 -31.55
N SER C 21 33.76 1.87 -30.59
CA SER C 21 34.26 1.15 -29.42
C SER C 21 34.49 2.10 -28.25
N CYS C 22 34.56 1.55 -27.05
CA CYS C 22 34.78 2.35 -25.85
C CYS C 22 35.41 1.53 -24.74
N ALA C 23 36.73 1.65 -24.59
CA ALA C 23 37.46 0.92 -23.57
C ALA C 23 37.58 1.75 -22.29
N ALA C 24 36.70 1.49 -21.34
CA ALA C 24 36.71 2.22 -20.07
C ALA C 24 37.14 1.30 -18.92
N SER C 25 38.33 1.56 -18.39
CA SER C 25 38.85 0.76 -17.29
C SER C 25 38.01 0.94 -16.04
N GLY C 26 36.97 0.12 -15.90
CA GLY C 26 36.10 0.19 -14.76
C GLY C 26 36.28 -0.99 -13.83
N SER C 27 35.77 -0.83 -12.61
CA SER C 27 35.86 -1.84 -11.58
C SER C 27 34.70 -2.83 -11.60
N ILE C 28 33.46 -2.33 -11.60
CA ILE C 28 32.27 -3.18 -11.58
C ILE C 28 31.33 -2.67 -12.67
N PHE C 29 31.42 -3.27 -13.86
CA PHE C 29 30.46 -3.02 -14.93
C PHE C 29 29.52 -4.19 -15.16
N TYR C 30 29.61 -5.24 -14.34
CA TYR C 30 28.68 -6.36 -14.45
C TYR C 30 27.33 -5.97 -13.88
N GLY C 31 26.27 -6.30 -14.60
CA GLY C 31 24.94 -5.95 -14.19
C GLY C 31 24.81 -4.43 -14.11
N TYR C 32 25.34 -3.75 -15.12
CA TYR C 32 25.31 -2.29 -15.16
C TYR C 32 24.55 -1.71 -16.37
N TYR C 33 25.08 -0.63 -16.92
CA TYR C 33 24.46 0.05 -18.06
C TYR C 33 25.42 0.80 -18.99
N MET C 34 25.61 0.22 -20.17
CA MET C 34 26.43 0.76 -21.25
C MET C 34 25.57 1.27 -22.39
N GLY C 35 25.84 2.49 -22.85
CA GLY C 35 25.09 3.09 -23.92
C GLY C 35 25.87 4.14 -24.69
N TRP C 36 25.16 4.74 -25.65
CA TRP C 36 25.71 5.76 -26.52
C TRP C 36 24.67 6.85 -26.74
N TYR C 37 25.11 8.11 -26.70
CA TYR C 37 24.27 9.24 -27.07
C TYR C 37 24.86 9.92 -28.29
N ARG C 38 24.03 10.08 -29.33
CA ARG C 38 24.41 10.78 -30.55
C ARG C 38 24.17 12.27 -30.36
N GLN C 39 25.07 12.90 -29.62
CA GLN C 39 24.95 14.32 -29.31
C GLN C 39 25.26 15.15 -30.55
N ALA C 40 24.22 15.58 -31.25
CA ALA C 40 24.37 16.38 -32.47
C ALA C 40 23.82 17.77 -32.24
N PRO C 41 23.91 18.66 -33.23
CA PRO C 41 23.36 20.01 -33.05
C PRO C 41 21.87 20.02 -32.79
N GLY C 42 21.12 19.06 -33.33
CA GLY C 42 19.68 19.04 -33.13
C GLY C 42 19.30 18.84 -31.68
N LYS C 43 19.94 17.91 -30.99
CA LYS C 43 19.67 17.63 -29.58
C LYS C 43 20.98 17.38 -28.86
N GLU C 44 21.20 18.10 -27.76
CA GLU C 44 22.44 17.96 -27.02
C GLU C 44 22.59 16.58 -26.40
N ARG C 45 21.46 15.98 -26.05
CA ARG C 45 21.43 14.64 -25.46
C ARG C 45 20.38 13.84 -26.21
N GLU C 46 20.83 12.94 -27.09
CA GLU C 46 19.91 12.14 -27.89
C GLU C 46 20.22 10.66 -27.73
N PHE C 47 19.18 9.86 -27.58
CA PHE C 47 19.33 8.41 -27.49
C PHE C 47 19.83 7.84 -28.81
N VAL C 48 20.70 6.83 -28.72
CA VAL C 48 21.18 6.14 -29.90
C VAL C 48 20.88 4.65 -29.80
N ALA C 49 21.48 3.99 -28.82
CA ALA C 49 21.33 2.56 -28.60
C ALA C 49 22.09 2.18 -27.33
N THR C 50 21.67 1.09 -26.71
CA THR C 50 22.23 0.69 -25.42
C THR C 50 22.26 -0.83 -25.30
N ILE C 51 23.42 -1.36 -24.93
CA ILE C 51 23.53 -2.72 -24.40
C ILE C 51 23.26 -2.64 -22.90
N ASN C 52 23.08 -3.81 -22.27
CA ASN C 52 22.79 -3.86 -20.84
C ASN C 52 22.91 -5.29 -20.32
N TYR C 53 22.51 -5.50 -19.07
CA TYR C 53 22.47 -6.85 -18.52
C TYR C 53 21.45 -7.68 -19.29
N GLY C 54 21.84 -8.91 -19.63
CA GLY C 54 20.99 -9.80 -20.38
C GLY C 54 21.13 -9.70 -21.89
N ALA C 55 22.03 -8.85 -22.39
CA ALA C 55 22.28 -8.67 -23.81
C ALA C 55 21.02 -8.22 -24.58
N SER C 56 20.22 -7.36 -23.98
CA SER C 56 19.04 -6.81 -24.62
C SER C 56 19.34 -5.40 -25.10
N THR C 57 18.85 -5.04 -26.28
CA THR C 57 19.14 -3.71 -26.84
C THR C 57 17.89 -2.85 -27.08
N ASN C 58 18.13 -1.59 -27.41
CA ASN C 58 17.07 -0.62 -27.68
C ASN C 58 17.62 0.59 -28.43
N TYR C 59 17.23 0.75 -29.69
CA TYR C 59 17.69 1.87 -30.51
C TYR C 59 16.79 3.08 -30.41
N ALA C 60 17.12 4.12 -31.18
CA ALA C 60 16.34 5.36 -31.18
C ALA C 60 15.16 5.28 -32.14
N ARG C 66 18.61 -0.21 -38.53
CA ARG C 66 19.88 0.04 -39.20
C ARG C 66 21.06 -0.45 -38.36
N PHE C 67 21.37 0.30 -37.31
CA PHE C 67 22.56 0.04 -36.50
C PHE C 67 22.37 -1.18 -35.61
N THR C 68 23.45 -1.55 -34.95
CA THR C 68 23.48 -2.65 -33.99
C THR C 68 24.53 -2.35 -32.94
N ILE C 69 24.23 -2.68 -31.69
CA ILE C 69 25.15 -2.46 -30.58
C ILE C 69 25.35 -3.78 -29.85
N SER C 70 26.62 -4.13 -29.59
CA SER C 70 26.98 -5.40 -29.00
C SER C 70 27.82 -5.17 -27.75
N ARG C 71 27.84 -6.17 -26.88
CA ARG C 71 28.49 -6.08 -25.58
C ARG C 71 29.72 -6.97 -25.53
N ASP C 72 30.57 -6.68 -24.55
CA ASP C 72 31.72 -7.54 -24.23
C ASP C 72 32.14 -7.24 -22.80
N ASN C 73 31.91 -8.20 -21.90
CA ASN C 73 32.23 -8.03 -20.50
C ASN C 73 33.63 -8.50 -20.14
N ALA C 74 34.39 -9.02 -21.10
CA ALA C 74 35.74 -9.49 -20.82
C ALA C 74 36.66 -8.34 -20.45
N LYS C 75 36.55 -7.21 -21.15
CA LYS C 75 37.43 -6.06 -20.92
C LYS C 75 36.64 -4.76 -20.82
N ASN C 76 35.35 -4.86 -20.47
CA ASN C 76 34.49 -3.70 -20.25
C ASN C 76 34.43 -2.83 -21.51
N THR C 77 33.92 -3.42 -22.59
CA THR C 77 33.97 -2.80 -23.90
C THR C 77 32.62 -2.92 -24.59
N VAL C 78 32.35 -1.97 -25.49
CA VAL C 78 31.14 -1.95 -26.31
C VAL C 78 31.54 -1.80 -27.76
N TYR C 79 30.76 -2.43 -28.64
CA TYR C 79 30.96 -2.33 -30.08
C TYR C 79 29.64 -1.87 -30.70
N LEU C 80 29.52 -0.58 -30.98
CA LEU C 80 28.36 -0.07 -31.70
C LEU C 80 28.63 -0.31 -33.18
N GLN C 81 28.32 -1.52 -33.62
CA GLN C 81 28.50 -1.92 -35.00
C GLN C 81 27.32 -1.42 -35.83
N MET C 82 27.40 -0.18 -36.29
CA MET C 82 26.35 0.40 -37.10
C MET C 82 26.33 -0.24 -38.49
N ASN C 83 25.17 -0.17 -39.14
CA ASN C 83 25.01 -0.70 -40.48
C ASN C 83 24.18 0.26 -41.30
N SER C 84 24.66 0.56 -42.52
CA SER C 84 23.98 1.45 -43.46
C SER C 84 23.58 2.77 -42.79
N LEU C 85 24.52 3.35 -42.05
CA LEU C 85 24.24 4.60 -41.33
C LEU C 85 23.96 5.72 -42.32
N LYS C 86 22.88 6.45 -42.07
CA LYS C 86 22.48 7.55 -42.95
C LYS C 86 23.30 8.80 -42.67
N PRO C 87 23.27 9.78 -43.57
CA PRO C 87 23.98 11.04 -43.32
C PRO C 87 23.51 11.74 -42.06
N GLU C 88 22.24 11.58 -41.68
CA GLU C 88 21.73 12.20 -40.46
C GLU C 88 22.32 11.58 -39.21
N ASP C 89 23.00 10.45 -39.33
CA ASP C 89 23.59 9.80 -38.16
C ASP C 89 24.84 10.53 -37.66
N THR C 90 25.33 11.52 -38.39
CA THR C 90 26.51 12.26 -37.96
C THR C 90 26.24 12.97 -36.64
N ALA C 91 27.16 12.80 -35.69
CA ALA C 91 27.01 13.33 -34.35
C ALA C 91 28.32 13.08 -33.60
N VAL C 92 28.37 13.53 -32.36
CA VAL C 92 29.49 13.20 -31.47
C VAL C 92 28.99 12.16 -30.48
N TYR C 93 29.32 10.90 -30.72
CA TYR C 93 28.91 9.82 -29.83
C TYR C 93 29.84 9.77 -28.63
N TYR C 94 29.32 10.13 -27.47
CA TYR C 94 30.06 10.02 -26.22
C TYR C 94 29.69 8.72 -25.53
N CYS C 95 30.68 8.02 -24.99
CA CYS C 95 30.41 6.80 -24.25
C CYS C 95 29.49 7.11 -23.07
N ALA C 96 28.75 6.10 -22.61
CA ALA C 96 27.77 6.32 -21.56
C ALA C 96 27.70 5.20 -20.54
N VAL C 97 28.75 4.38 -20.40
CA VAL C 97 28.75 3.35 -19.38
C VAL C 97 28.77 4.04 -18.02
N ARG C 98 28.46 3.28 -16.97
CA ARG C 98 28.24 3.78 -15.61
C ARG C 98 26.93 4.54 -15.54
N ARG C 99 26.12 4.50 -16.62
CA ARG C 99 24.73 4.89 -16.45
C ARG C 99 24.02 3.91 -15.52
N VAL C 100 24.26 2.61 -15.71
CA VAL C 100 23.81 1.50 -14.88
C VAL C 100 22.33 1.62 -14.56
N TYR C 101 21.58 2.27 -15.44
CA TYR C 101 20.19 2.69 -15.21
C TYR C 101 20.00 3.12 -13.76
N VAL C 102 20.94 3.93 -13.29
CA VAL C 102 21.05 4.28 -11.88
C VAL C 102 19.83 5.10 -11.49
N TYR C 103 19.24 4.77 -10.34
CA TYR C 103 18.14 5.55 -9.80
C TYR C 103 18.71 6.83 -9.22
N VAL C 104 18.36 7.97 -9.83
CA VAL C 104 18.79 9.30 -9.43
C VAL C 104 20.30 9.32 -9.59
N GLN C 105 20.81 8.57 -10.59
CA GLN C 105 22.27 8.60 -10.87
C GLN C 105 23.03 8.74 -9.56
N ARG C 106 22.67 7.96 -8.55
CA ARG C 106 23.29 8.08 -7.23
C ARG C 106 24.49 7.20 -6.92
N TYR C 107 24.94 6.39 -7.87
CA TYR C 107 26.09 5.54 -7.59
C TYR C 107 27.37 6.06 -8.22
N TYR C 108 27.41 6.14 -9.55
CA TYR C 108 28.53 6.78 -10.23
C TYR C 108 28.13 7.04 -11.68
N HIS C 109 27.91 8.30 -12.03
CA HIS C 109 27.72 8.66 -13.43
C HIS C 109 29.01 9.25 -13.98
N TYR C 110 29.99 8.37 -14.13
CA TYR C 110 31.23 8.68 -14.81
C TYR C 110 31.11 8.54 -16.32
N TYR C 111 29.88 8.60 -16.83
CA TYR C 111 29.58 8.24 -18.21
C TYR C 111 30.20 9.18 -19.23
N TRP C 112 30.30 10.48 -18.92
CA TRP C 112 30.62 11.50 -19.91
C TRP C 112 31.77 11.09 -20.83
N GLY C 113 32.96 10.94 -20.25
CA GLY C 113 34.12 10.51 -21.02
C GLY C 113 34.42 11.39 -22.23
N GLN C 114 35.07 10.83 -23.23
CA GLN C 114 35.38 11.53 -24.47
C GLN C 114 34.41 11.12 -25.56
N GLY C 115 34.20 12.02 -26.51
CA GLY C 115 33.27 11.80 -27.61
C GLY C 115 33.98 11.59 -28.92
N THR C 116 33.39 10.78 -29.79
CA THR C 116 33.94 10.52 -31.10
C THR C 116 33.44 11.56 -32.09
N GLN C 117 33.84 11.42 -33.36
CA GLN C 117 33.38 12.31 -34.43
C GLN C 117 33.03 11.42 -35.62
N VAL C 118 31.77 11.00 -35.68
CA VAL C 118 31.29 10.15 -36.76
C VAL C 118 30.71 11.04 -37.84
N THR C 119 31.27 10.96 -39.04
CA THR C 119 30.81 11.74 -40.19
C THR C 119 30.35 10.81 -41.28
N VAL C 120 29.12 11.00 -41.75
CA VAL C 120 28.56 10.17 -42.80
C VAL C 120 28.12 11.03 -43.97
C01 IXO D . 6.77 2.82 -6.60
N02 IXO D . 7.75 2.46 -5.59
C03 IXO D . 8.25 1.13 -5.84
C04 IXO D . 8.85 3.41 -5.64
C05 IXO D . 7.14 2.51 -4.27
C06 IXO D . 6.51 3.88 -4.03
C07 IXO D . 6.02 4.94 -3.84
C08 IXO D . 5.38 6.31 -3.59
O09 IXO D . 4.41 6.18 -2.59
C10 IXO D . 4.93 6.24 -1.29
N11 IXO D . 6.22 6.78 -0.92
O12 IXO D . 6.71 6.00 0.17
C13 IXO D . 5.53 5.51 0.88
C14 IXO D . 4.41 5.53 -0.13
#